data_2RTZ
#
_entry.id   2RTZ
#
_entity_poly.entity_id   1
_entity_poly.type   'polypeptide(L)'
_entity_poly.pdbx_seq_one_letter_code
;ACVENCRKYCQDKGARNGKCINSNCHCYY
;
_entity_poly.pdbx_strand_id   A
#
# COMPACT_ATOMS: atom_id res chain seq x y z
N ALA A 1 10.07 0.56 -2.80
CA ALA A 1 9.45 0.73 -4.11
C ALA A 1 8.10 0.02 -4.18
N CYS A 2 7.36 0.30 -5.24
CA CYS A 2 6.04 -0.30 -5.43
C CYS A 2 6.05 -1.26 -6.62
N VAL A 3 5.17 -2.26 -6.57
CA VAL A 3 5.08 -3.24 -7.65
C VAL A 3 3.71 -3.21 -8.30
N GLU A 4 2.67 -3.08 -7.48
CA GLU A 4 1.30 -3.02 -8.00
C GLU A 4 0.46 -2.02 -7.21
N ASN A 5 1.07 -0.90 -6.85
CA ASN A 5 0.39 0.14 -6.09
C ASN A 5 0.03 -0.35 -4.70
N CYS A 6 0.60 0.29 -3.69
CA CYS A 6 0.35 -0.08 -2.30
C CYS A 6 -1.16 -0.13 -2.02
N ARG A 7 -1.91 0.67 -2.74
CA ARG A 7 -3.36 0.72 -2.58
C ARG A 7 -3.97 -0.66 -2.77
N LYS A 8 -3.99 -1.13 -4.01
CA LYS A 8 -4.54 -2.44 -4.33
C LYS A 8 -3.71 -3.56 -3.71
N TYR A 9 -2.40 -3.33 -3.62
CA TYR A 9 -1.49 -4.31 -3.05
C TYR A 9 -1.88 -4.63 -1.60
N CYS A 10 -2.33 -3.61 -0.88
CA CYS A 10 -2.74 -3.80 0.51
C CYS A 10 -4.23 -4.10 0.61
N GLN A 11 -5.02 -3.46 -0.23
CA GLN A 11 -6.47 -3.66 -0.25
C GLN A 11 -6.80 -5.14 -0.46
N ASP A 12 -5.87 -5.87 -1.06
CA ASP A 12 -6.08 -7.29 -1.33
C ASP A 12 -5.83 -8.12 -0.07
N LYS A 13 -5.05 -7.57 0.85
CA LYS A 13 -4.74 -8.25 2.10
C LYS A 13 -5.49 -7.62 3.27
N GLY A 14 -6.33 -6.64 2.96
CA GLY A 14 -7.11 -5.98 3.99
C GLY A 14 -6.61 -4.58 4.27
N ALA A 15 -7.23 -3.59 3.64
CA ALA A 15 -6.84 -2.19 3.82
C ALA A 15 -7.76 -1.26 3.02
N ARG A 16 -8.12 -0.13 3.63
CA ARG A 16 -8.98 0.84 2.97
C ARG A 16 -8.23 1.61 1.89
N ASN A 17 -6.95 1.85 2.15
CA ASN A 17 -6.11 2.58 1.20
C ASN A 17 -4.63 2.25 1.41
N GLY A 18 -3.77 2.87 0.61
CA GLY A 18 -2.34 2.63 0.73
C GLY A 18 -1.55 3.38 -0.32
N LYS A 19 -0.25 3.53 -0.08
CA LYS A 19 0.62 4.22 -1.02
C LYS A 19 2.10 3.97 -0.68
N CYS A 20 2.99 4.55 -1.47
CA CYS A 20 4.42 4.38 -1.26
C CYS A 20 4.96 5.45 -0.32
N ILE A 21 5.97 5.11 0.46
CA ILE A 21 6.58 6.04 1.40
C ILE A 21 8.10 5.98 1.34
N ASN A 22 8.74 7.04 1.80
CA ASN A 22 10.21 7.12 1.79
C ASN A 22 10.81 5.77 2.19
N SER A 23 10.52 5.33 3.41
CA SER A 23 11.04 4.07 3.92
C SER A 23 10.80 2.94 2.92
N ASN A 24 9.61 2.93 2.33
CA ASN A 24 9.25 1.90 1.36
C ASN A 24 7.78 2.01 0.96
N CYS A 25 6.90 1.52 1.83
CA CYS A 25 5.47 1.57 1.58
C CYS A 25 4.69 1.69 2.88
N HIS A 26 3.41 2.04 2.79
CA HIS A 26 2.56 2.18 3.96
C HIS A 26 1.09 2.19 3.56
N CYS A 27 0.29 1.38 4.24
CA CYS A 27 -1.14 1.28 3.95
C CYS A 27 -1.92 2.21 4.87
N TYR A 28 -3.25 2.21 4.71
CA TYR A 28 -4.12 3.05 5.52
C TYR A 28 -5.43 2.33 5.85
N TYR A 29 -5.71 2.20 7.14
CA TYR A 29 -6.92 1.52 7.59
C TYR A 29 -7.97 2.53 8.02
N ALA A 1 10.10 0.01 -2.74
CA ALA A 1 9.49 0.43 -4.00
C ALA A 1 8.09 -0.18 -4.15
N CYS A 2 7.39 0.25 -5.19
CA CYS A 2 6.05 -0.25 -5.46
C CYS A 2 6.05 -1.24 -6.63
N VAL A 3 5.17 -2.24 -6.56
CA VAL A 3 5.08 -3.24 -7.61
C VAL A 3 3.69 -3.23 -8.25
N GLU A 4 2.67 -3.02 -7.44
CA GLU A 4 1.30 -2.98 -7.93
C GLU A 4 0.46 -1.99 -7.12
N ASN A 5 1.07 -0.86 -6.78
CA ASN A 5 0.38 0.18 -6.02
C ASN A 5 0.04 -0.32 -4.62
N CYS A 6 0.62 0.32 -3.61
CA CYS A 6 0.38 -0.06 -2.21
C CYS A 6 -1.11 -0.11 -1.92
N ARG A 7 -1.89 0.70 -2.64
CA ARG A 7 -3.33 0.74 -2.46
C ARG A 7 -3.95 -0.64 -2.68
N LYS A 8 -3.92 -1.11 -3.92
CA LYS A 8 -4.47 -2.42 -4.26
C LYS A 8 -3.65 -3.54 -3.64
N TYR A 9 -2.34 -3.30 -3.53
CA TYR A 9 -1.44 -4.29 -2.94
C TYR A 9 -1.84 -4.63 -1.51
N CYS A 10 -2.29 -3.62 -0.78
CA CYS A 10 -2.70 -3.80 0.60
C CYS A 10 -4.19 -4.11 0.69
N GLN A 11 -4.99 -3.44 -0.15
CA GLN A 11 -6.43 -3.65 -0.17
C GLN A 11 -6.77 -5.11 -0.46
N ASP A 12 -5.83 -5.82 -1.07
CA ASP A 12 -6.02 -7.23 -1.41
C ASP A 12 -5.76 -8.11 -0.19
N LYS A 13 -5.08 -7.55 0.81
CA LYS A 13 -4.76 -8.30 2.02
C LYS A 13 -5.47 -7.69 3.22
N GLY A 14 -6.32 -6.70 2.97
CA GLY A 14 -7.05 -6.04 4.04
C GLY A 14 -6.55 -4.64 4.32
N ALA A 15 -7.18 -3.66 3.70
CA ALA A 15 -6.79 -2.26 3.88
C ALA A 15 -7.71 -1.34 3.09
N ARG A 16 -8.09 -0.21 3.71
CA ARG A 16 -8.96 0.75 3.07
C ARG A 16 -8.21 1.54 1.99
N ASN A 17 -6.93 1.81 2.25
CA ASN A 17 -6.10 2.55 1.30
C ASN A 17 -4.62 2.24 1.51
N GLY A 18 -3.78 2.85 0.71
CA GLY A 18 -2.34 2.63 0.82
C GLY A 18 -1.55 3.37 -0.24
N LYS A 19 -0.26 3.54 0.00
CA LYS A 19 0.62 4.24 -0.94
C LYS A 19 2.08 3.98 -0.62
N CYS A 20 2.97 4.57 -1.41
CA CYS A 20 4.41 4.41 -1.21
C CYS A 20 4.94 5.49 -0.28
N ILE A 21 5.97 5.13 0.49
CA ILE A 21 6.59 6.06 1.42
C ILE A 21 8.11 6.00 1.34
N ASN A 22 8.76 7.06 1.80
CA ASN A 22 10.22 7.13 1.79
C ASN A 22 10.82 5.78 2.19
N SER A 23 10.53 5.34 3.40
CA SER A 23 11.06 4.08 3.91
C SER A 23 10.81 2.95 2.91
N ASN A 24 9.61 2.94 2.33
CA ASN A 24 9.25 1.92 1.36
C ASN A 24 7.78 2.03 0.98
N CYS A 25 6.91 1.53 1.86
CA CYS A 25 5.48 1.58 1.62
C CYS A 25 4.71 1.70 2.93
N HIS A 26 3.43 2.06 2.84
CA HIS A 26 2.58 2.21 4.02
C HIS A 26 1.11 2.22 3.63
N CYS A 27 0.33 1.38 4.30
CA CYS A 27 -1.10 1.29 4.03
C CYS A 27 -1.89 2.21 4.95
N TYR A 28 -3.21 2.18 4.81
CA TYR A 28 -4.09 3.02 5.63
C TYR A 28 -5.39 2.30 5.95
N TYR A 29 -5.67 2.16 7.25
CA TYR A 29 -6.88 1.49 7.70
C TYR A 29 -7.93 2.50 8.14
N ALA A 1 9.82 -1.89 -3.00
CA ALA A 1 9.26 -0.77 -3.75
C ALA A 1 7.85 -1.11 -4.25
N CYS A 2 7.18 -0.11 -4.82
CA CYS A 2 5.83 -0.29 -5.34
C CYS A 2 5.84 -1.20 -6.56
N VAL A 3 4.98 -2.21 -6.55
CA VAL A 3 4.87 -3.15 -7.66
C VAL A 3 3.50 -3.11 -8.30
N GLU A 4 2.46 -3.01 -7.47
CA GLU A 4 1.08 -2.95 -7.95
C GLU A 4 0.26 -1.96 -7.15
N ASN A 5 0.87 -0.83 -6.81
CA ASN A 5 0.19 0.21 -6.04
C ASN A 5 -0.12 -0.28 -4.63
N CYS A 6 0.46 0.37 -3.63
CA CYS A 6 0.25 0.00 -2.24
C CYS A 6 -1.25 -0.09 -1.93
N ARG A 7 -2.04 0.70 -2.65
CA ARG A 7 -3.49 0.72 -2.44
C ARG A 7 -4.08 -0.68 -2.64
N LYS A 8 -4.09 -1.14 -3.88
CA LYS A 8 -4.63 -2.46 -4.21
C LYS A 8 -3.75 -3.57 -3.63
N TYR A 9 -2.45 -3.29 -3.53
CA TYR A 9 -1.52 -4.26 -2.99
C TYR A 9 -1.86 -4.61 -1.55
N CYS A 10 -2.29 -3.61 -0.79
CA CYS A 10 -2.66 -3.82 0.61
C CYS A 10 -4.14 -4.14 0.74
N GLN A 11 -4.97 -3.50 -0.09
CA GLN A 11 -6.40 -3.73 -0.06
C GLN A 11 -6.73 -5.21 -0.28
N ASP A 12 -5.81 -5.92 -0.92
CA ASP A 12 -6.00 -7.34 -1.19
C ASP A 12 -5.71 -8.17 0.07
N LYS A 13 -4.93 -7.61 0.98
CA LYS A 13 -4.59 -8.29 2.21
C LYS A 13 -5.31 -7.67 3.41
N GLY A 14 -6.19 -6.71 3.12
CA GLY A 14 -6.93 -6.05 4.18
C GLY A 14 -6.43 -4.63 4.43
N ALA A 15 -7.09 -3.66 3.80
CA ALA A 15 -6.72 -2.26 3.97
C ALA A 15 -7.64 -1.35 3.17
N ARG A 16 -8.00 -0.22 3.76
CA ARG A 16 -8.88 0.74 3.11
C ARG A 16 -8.14 1.50 2.00
N ASN A 17 -6.92 1.93 2.31
CA ASN A 17 -6.10 2.66 1.35
C ASN A 17 -4.64 2.29 1.49
N GLY A 18 -3.81 2.79 0.57
CA GLY A 18 -2.39 2.50 0.61
C GLY A 18 -1.61 3.32 -0.40
N LYS A 19 -0.36 3.64 -0.07
CA LYS A 19 0.49 4.42 -0.95
C LYS A 19 1.97 4.15 -0.66
N CYS A 20 2.85 4.77 -1.44
CA CYS A 20 4.28 4.60 -1.26
C CYS A 20 4.84 5.67 -0.32
N ILE A 21 5.88 5.31 0.42
CA ILE A 21 6.50 6.23 1.36
C ILE A 21 8.03 6.17 1.25
N ASN A 22 8.69 7.23 1.71
CA ASN A 22 10.14 7.29 1.67
C ASN A 22 10.76 5.95 2.04
N SER A 23 10.50 5.50 3.26
CA SER A 23 11.03 4.23 3.73
C SER A 23 10.77 3.12 2.72
N ASN A 24 9.56 3.11 2.16
CA ASN A 24 9.19 2.10 1.17
C ASN A 24 7.71 2.22 0.81
N CYS A 25 6.85 1.71 1.70
CA CYS A 25 5.41 1.75 1.49
C CYS A 25 4.66 1.85 2.81
N HIS A 26 3.38 2.19 2.74
CA HIS A 26 2.55 2.32 3.94
C HIS A 26 1.08 2.26 3.58
N CYS A 27 0.33 1.44 4.31
CA CYS A 27 -1.10 1.29 4.08
C CYS A 27 -1.91 2.14 5.05
N TYR A 28 -3.23 2.11 4.89
CA TYR A 28 -4.11 2.90 5.75
C TYR A 28 -5.38 2.10 6.10
N TYR A 29 -5.57 1.84 7.38
CA TYR A 29 -6.73 1.08 7.84
C TYR A 29 -7.81 2.03 8.37
N ALA A 1 9.36 -1.72 -2.27
CA ALA A 1 9.02 -0.82 -3.37
C ALA A 1 7.61 -1.06 -3.88
N CYS A 2 7.15 -0.20 -4.77
CA CYS A 2 5.80 -0.32 -5.34
C CYS A 2 5.80 -1.25 -6.54
N VAL A 3 4.91 -2.23 -6.53
CA VAL A 3 4.80 -3.18 -7.63
C VAL A 3 3.43 -3.13 -8.27
N GLU A 4 2.40 -3.01 -7.44
CA GLU A 4 1.02 -2.94 -7.93
C GLU A 4 0.20 -1.93 -7.13
N ASN A 5 0.83 -0.81 -6.79
CA ASN A 5 0.15 0.23 -6.02
C ASN A 5 -0.18 -0.26 -4.62
N CYS A 6 0.41 0.38 -3.61
CA CYS A 6 0.18 0.01 -2.22
C CYS A 6 -1.31 -0.05 -1.92
N ARG A 7 -2.09 0.76 -2.63
CA ARG A 7 -3.53 0.80 -2.44
C ARG A 7 -4.15 -0.58 -2.64
N LYS A 8 -4.16 -1.04 -3.89
CA LYS A 8 -4.73 -2.34 -4.21
C LYS A 8 -3.87 -3.47 -3.62
N TYR A 9 -2.57 -3.23 -3.52
CA TYR A 9 -1.65 -4.21 -2.97
C TYR A 9 -2.02 -4.55 -1.53
N CYS A 10 -2.40 -3.53 -0.77
CA CYS A 10 -2.76 -3.73 0.63
C CYS A 10 -4.25 -4.03 0.76
N GLN A 11 -5.06 -3.39 -0.08
CA GLN A 11 -6.50 -3.59 -0.05
C GLN A 11 -6.84 -5.07 -0.26
N ASP A 12 -5.93 -5.80 -0.89
CA ASP A 12 -6.13 -7.23 -1.14
C ASP A 12 -5.87 -8.04 0.12
N LYS A 13 -5.07 -7.49 1.03
CA LYS A 13 -4.74 -8.17 2.27
C LYS A 13 -5.46 -7.52 3.45
N GLY A 14 -6.32 -6.55 3.15
CA GLY A 14 -7.06 -5.86 4.19
C GLY A 14 -6.54 -4.46 4.45
N ALA A 15 -7.16 -3.47 3.83
CA ALA A 15 -6.75 -2.09 4.00
C ALA A 15 -7.64 -1.15 3.20
N ARG A 16 -8.02 -0.03 3.82
CA ARG A 16 -8.88 0.95 3.16
C ARG A 16 -8.12 1.68 2.06
N ASN A 17 -6.90 2.12 2.36
CA ASN A 17 -6.07 2.83 1.40
C ASN A 17 -4.61 2.44 1.53
N GLY A 18 -3.79 2.90 0.60
CA GLY A 18 -2.37 2.58 0.64
C GLY A 18 -1.58 3.37 -0.40
N LYS A 19 -0.33 3.69 -0.06
CA LYS A 19 0.53 4.44 -0.96
C LYS A 19 2.00 4.14 -0.67
N CYS A 20 2.89 4.77 -1.45
CA CYS A 20 4.32 4.57 -1.28
C CYS A 20 4.91 5.61 -0.33
N ILE A 21 5.95 5.22 0.40
CA ILE A 21 6.60 6.13 1.33
C ILE A 21 8.11 6.05 1.21
N ASN A 22 8.80 7.09 1.67
CA ASN A 22 10.25 7.14 1.61
C ASN A 22 10.85 5.78 1.96
N SER A 23 10.60 5.32 3.17
CA SER A 23 11.11 4.03 3.62
C SER A 23 10.82 2.93 2.59
N ASN A 24 9.62 2.95 2.04
CA ASN A 24 9.21 1.96 1.06
C ASN A 24 7.73 2.11 0.72
N CYS A 25 6.87 1.60 1.61
CA CYS A 25 5.44 1.66 1.41
C CYS A 25 4.71 1.77 2.74
N HIS A 26 3.43 2.13 2.69
CA HIS A 26 2.62 2.26 3.90
C HIS A 26 1.13 2.25 3.56
N CYS A 27 0.37 1.46 4.30
CA CYS A 27 -1.07 1.36 4.08
C CYS A 27 -1.83 2.26 5.05
N TYR A 28 -3.16 2.25 4.93
CA TYR A 28 -4.01 3.07 5.78
C TYR A 28 -5.30 2.34 6.13
N TYR A 29 -5.50 2.10 7.43
CA TYR A 29 -6.69 1.40 7.89
C TYR A 29 -7.76 2.39 8.35
N ALA A 1 9.88 -1.91 -3.01
CA ALA A 1 9.38 -0.82 -3.83
C ALA A 1 7.99 -1.16 -4.39
N CYS A 2 7.19 -0.13 -4.64
CA CYS A 2 5.84 -0.31 -5.16
C CYS A 2 5.87 -1.18 -6.42
N VAL A 3 5.00 -2.17 -6.48
CA VAL A 3 4.91 -3.06 -7.63
C VAL A 3 3.55 -2.99 -8.29
N GLU A 4 2.50 -2.92 -7.47
CA GLU A 4 1.14 -2.85 -7.97
C GLU A 4 0.30 -1.87 -7.15
N ASN A 5 0.91 -0.74 -6.80
CA ASN A 5 0.22 0.28 -6.02
C ASN A 5 -0.10 -0.23 -4.61
N CYS A 6 0.48 0.41 -3.61
CA CYS A 6 0.26 0.02 -2.22
C CYS A 6 -1.22 -0.04 -1.90
N ARG A 7 -2.02 0.76 -2.63
CA ARG A 7 -3.46 0.78 -2.42
C ARG A 7 -4.06 -0.60 -2.62
N LYS A 8 -4.07 -1.07 -3.86
CA LYS A 8 -4.62 -2.38 -4.19
C LYS A 8 -3.75 -3.49 -3.62
N TYR A 9 -2.44 -3.24 -3.56
CA TYR A 9 -1.50 -4.22 -3.04
C TYR A 9 -1.83 -4.58 -1.60
N CYS A 10 -2.24 -3.58 -0.83
CA CYS A 10 -2.59 -3.80 0.57
C CYS A 10 -4.08 -4.11 0.72
N GLN A 11 -4.90 -3.43 -0.07
CA GLN A 11 -6.35 -3.64 -0.03
C GLN A 11 -6.69 -5.10 -0.30
N ASP A 12 -5.80 -5.81 -0.98
CA ASP A 12 -6.01 -7.21 -1.30
C ASP A 12 -5.73 -8.10 -0.08
N LYS A 13 -4.92 -7.58 0.84
CA LYS A 13 -4.58 -8.32 2.04
C LYS A 13 -5.28 -7.75 3.27
N GLY A 14 -6.12 -6.73 3.03
CA GLY A 14 -6.85 -6.11 4.12
C GLY A 14 -6.34 -4.71 4.44
N ALA A 15 -6.98 -3.71 3.85
CA ALA A 15 -6.58 -2.32 4.08
C ALA A 15 -7.50 -1.36 3.34
N ARG A 16 -7.68 -0.16 3.90
CA ARG A 16 -8.53 0.84 3.28
C ARG A 16 -7.81 1.56 2.15
N ASN A 17 -6.60 2.02 2.43
CA ASN A 17 -5.79 2.73 1.43
C ASN A 17 -4.33 2.30 1.50
N GLY A 18 -3.54 2.76 0.55
CA GLY A 18 -2.13 2.41 0.51
C GLY A 18 -1.34 3.25 -0.46
N LYS A 19 -0.13 3.61 -0.07
CA LYS A 19 0.74 4.44 -0.92
C LYS A 19 2.21 4.15 -0.64
N CYS A 20 3.09 4.78 -1.41
CA CYS A 20 4.52 4.59 -1.25
C CYS A 20 5.10 5.64 -0.29
N ILE A 21 6.07 5.22 0.51
CA ILE A 21 6.70 6.11 1.47
C ILE A 21 8.23 6.02 1.39
N ASN A 22 8.90 7.07 1.87
CA ASN A 22 10.36 7.11 1.85
C ASN A 22 10.95 5.75 2.19
N SER A 23 10.66 5.28 3.39
CA SER A 23 11.17 3.98 3.85
C SER A 23 10.89 2.89 2.81
N ASN A 24 9.69 2.91 2.24
CA ASN A 24 9.30 1.94 1.24
C ASN A 24 7.82 2.08 0.88
N CYS A 25 6.96 1.57 1.75
CA CYS A 25 5.51 1.64 1.53
C CYS A 25 4.76 1.72 2.86
N HIS A 26 3.50 2.11 2.79
CA HIS A 26 2.67 2.22 3.98
C HIS A 26 1.19 2.17 3.62
N CYS A 27 0.43 1.39 4.39
CA CYS A 27 -1.01 1.24 4.16
C CYS A 27 -1.81 2.07 5.16
N TYR A 28 -3.12 2.08 4.97
CA TYR A 28 -4.00 2.84 5.87
C TYR A 28 -5.25 2.02 6.21
N TYR A 29 -5.49 1.84 7.50
CA TYR A 29 -6.64 1.09 7.98
C TYR A 29 -7.69 2.01 8.59
N ALA A 1 9.41 -1.82 -2.07
CA ALA A 1 9.19 -1.04 -3.28
C ALA A 1 7.80 -1.30 -3.85
N CYS A 2 7.24 -0.28 -4.51
CA CYS A 2 5.91 -0.39 -5.10
C CYS A 2 5.92 -1.32 -6.32
N VAL A 3 5.04 -2.30 -6.32
CA VAL A 3 4.95 -3.25 -7.42
C VAL A 3 3.59 -3.18 -8.09
N GLU A 4 2.54 -3.04 -7.29
CA GLU A 4 1.18 -2.97 -7.83
C GLU A 4 0.36 -1.95 -7.04
N ASN A 5 0.98 -0.83 -6.71
CA ASN A 5 0.31 0.24 -5.96
C ASN A 5 -0.05 -0.24 -4.55
N CYS A 6 0.49 0.44 -3.55
CA CYS A 6 0.23 0.09 -2.16
C CYS A 6 -1.26 0.01 -1.88
N ARG A 7 -2.04 0.77 -2.66
CA ARG A 7 -3.50 0.78 -2.49
C ARG A 7 -4.07 -0.62 -2.70
N LYS A 8 -4.07 -1.08 -3.94
CA LYS A 8 -4.60 -2.40 -4.26
C LYS A 8 -3.74 -3.50 -3.64
N TYR A 9 -2.44 -3.21 -3.49
CA TYR A 9 -1.51 -4.17 -2.91
C TYR A 9 -1.90 -4.51 -1.48
N CYS A 10 -2.34 -3.50 -0.73
CA CYS A 10 -2.75 -3.70 0.66
C CYS A 10 -4.23 -4.03 0.74
N GLN A 11 -5.03 -3.38 -0.09
CA GLN A 11 -6.47 -3.60 -0.11
C GLN A 11 -6.79 -5.08 -0.37
N ASP A 12 -5.86 -5.77 -1.01
CA ASP A 12 -6.04 -7.18 -1.31
C ASP A 12 -5.77 -8.05 -0.09
N LYS A 13 -5.04 -7.50 0.87
CA LYS A 13 -4.71 -8.21 2.09
C LYS A 13 -5.39 -7.58 3.30
N GLY A 14 -6.28 -6.62 3.04
CA GLY A 14 -6.99 -5.96 4.11
C GLY A 14 -6.49 -4.55 4.37
N ALA A 15 -7.13 -3.57 3.75
CA ALA A 15 -6.74 -2.17 3.92
C ALA A 15 -7.66 -1.24 3.13
N ARG A 16 -8.04 -0.14 3.75
CA ARG A 16 -8.93 0.83 3.11
C ARG A 16 -8.19 1.61 2.03
N ASN A 17 -6.96 2.02 2.34
CA ASN A 17 -6.15 2.77 1.39
C ASN A 17 -4.67 2.42 1.53
N GLY A 18 -3.85 2.93 0.62
CA GLY A 18 -2.42 2.67 0.68
C GLY A 18 -1.65 3.48 -0.34
N LYS A 19 -0.40 3.78 -0.02
CA LYS A 19 0.46 4.55 -0.91
C LYS A 19 1.93 4.29 -0.63
N CYS A 20 2.80 4.90 -1.42
CA CYS A 20 4.25 4.73 -1.25
C CYS A 20 4.81 5.79 -0.30
N ILE A 21 5.84 5.42 0.45
CA ILE A 21 6.47 6.33 1.39
C ILE A 21 8.00 6.27 1.28
N ASN A 22 8.66 7.33 1.74
CA ASN A 22 10.11 7.40 1.69
C ASN A 22 10.74 6.05 2.06
N SER A 23 10.47 5.60 3.28
CA SER A 23 11.00 4.33 3.75
C SER A 23 10.73 3.22 2.74
N ASN A 24 9.53 3.21 2.18
CA ASN A 24 9.15 2.20 1.20
C ASN A 24 7.67 2.32 0.85
N CYS A 25 6.82 1.80 1.73
CA CYS A 25 5.38 1.84 1.52
C CYS A 25 4.63 1.93 2.84
N HIS A 26 3.35 2.31 2.78
CA HIS A 26 2.53 2.43 3.97
C HIS A 26 1.05 2.38 3.62
N CYS A 27 0.30 1.56 4.33
CA CYS A 27 -1.13 1.42 4.09
C CYS A 27 -1.93 2.29 5.05
N TYR A 28 -3.25 2.24 4.92
CA TYR A 28 -4.13 3.03 5.78
C TYR A 28 -5.40 2.26 6.11
N TYR A 29 -5.62 2.01 7.40
CA TYR A 29 -6.79 1.28 7.85
C TYR A 29 -7.88 2.25 8.34
N ALA A 1 9.84 -0.62 -3.27
CA ALA A 1 9.05 0.25 -4.12
C ALA A 1 7.66 -0.33 -4.36
N CYS A 2 6.84 0.39 -5.13
CA CYS A 2 5.47 -0.05 -5.43
C CYS A 2 5.45 -0.90 -6.69
N VAL A 3 5.19 -2.20 -6.52
CA VAL A 3 5.13 -3.12 -7.65
C VAL A 3 3.76 -3.08 -8.33
N GLU A 4 2.71 -2.88 -7.52
CA GLU A 4 1.36 -2.82 -8.04
C GLU A 4 0.50 -1.85 -7.23
N ASN A 5 1.10 -0.73 -6.85
CA ASN A 5 0.39 0.29 -6.06
C ASN A 5 0.04 -0.25 -4.68
N CYS A 6 0.61 0.37 -3.65
CA CYS A 6 0.35 -0.05 -2.28
C CYS A 6 -1.15 -0.14 -2.01
N ARG A 7 -1.92 0.69 -2.71
CA ARG A 7 -3.37 0.71 -2.55
C ARG A 7 -3.96 -0.68 -2.78
N LYS A 8 -3.94 -1.13 -4.03
CA LYS A 8 -4.47 -2.43 -4.38
C LYS A 8 -3.63 -3.54 -3.78
N TYR A 9 -2.33 -3.31 -3.66
CA TYR A 9 -1.42 -4.29 -3.10
C TYR A 9 -1.82 -4.64 -1.67
N CYS A 10 -2.27 -3.64 -0.92
CA CYS A 10 -2.69 -3.83 0.46
C CYS A 10 -4.17 -4.18 0.54
N GLN A 11 -4.96 -3.56 -0.33
CA GLN A 11 -6.39 -3.80 -0.36
C GLN A 11 -6.70 -5.28 -0.56
N ASP A 12 -5.74 -6.00 -1.13
CA ASP A 12 -5.90 -7.43 -1.39
C ASP A 12 -5.67 -8.24 -0.11
N LYS A 13 -4.94 -7.64 0.83
CA LYS A 13 -4.64 -8.31 2.10
C LYS A 13 -5.42 -7.67 3.25
N GLY A 14 -6.27 -6.71 2.91
CA GLY A 14 -7.07 -6.04 3.92
C GLY A 14 -6.59 -4.63 4.20
N ALA A 15 -7.19 -3.65 3.53
CA ALA A 15 -6.80 -2.25 3.71
C ALA A 15 -7.68 -1.34 2.85
N ARG A 16 -8.10 -0.22 3.43
CA ARG A 16 -8.95 0.73 2.73
C ARG A 16 -8.15 1.46 1.66
N ASN A 17 -6.95 1.92 2.02
CA ASN A 17 -6.09 2.64 1.10
C ASN A 17 -4.62 2.26 1.30
N GLY A 18 -3.76 2.73 0.41
CA GLY A 18 -2.35 2.44 0.52
C GLY A 18 -1.51 3.21 -0.48
N LYS A 19 -0.28 3.54 -0.09
CA LYS A 19 0.62 4.29 -0.97
C LYS A 19 2.07 4.01 -0.61
N CYS A 20 2.99 4.63 -1.36
CA CYS A 20 4.41 4.44 -1.12
C CYS A 20 4.94 5.50 -0.16
N ILE A 21 5.96 5.13 0.62
CA ILE A 21 6.56 6.05 1.58
C ILE A 21 8.08 5.99 1.52
N ASN A 22 8.73 7.04 2.00
CA ASN A 22 10.19 7.09 2.01
C ASN A 22 10.79 5.75 2.38
N SER A 23 10.49 5.28 3.59
CA SER A 23 11.00 4.01 4.07
C SER A 23 10.77 2.91 3.04
N ASN A 24 9.57 2.91 2.45
CA ASN A 24 9.22 1.91 1.45
C ASN A 24 7.75 2.03 1.04
N CYS A 25 6.87 1.53 1.90
CA CYS A 25 5.43 1.58 1.64
C CYS A 25 4.65 1.69 2.94
N HIS A 26 3.37 2.04 2.83
CA HIS A 26 2.51 2.17 3.99
C HIS A 26 1.04 2.15 3.59
N CYS A 27 0.24 1.35 4.29
CA CYS A 27 -1.19 1.24 4.00
C CYS A 27 -1.99 2.16 4.92
N TYR A 28 -3.31 2.14 4.75
CA TYR A 28 -4.20 2.97 5.57
C TYR A 28 -5.50 2.24 5.85
N TYR A 29 -5.77 1.99 7.13
CA TYR A 29 -6.98 1.31 7.55
C TYR A 29 -8.06 2.30 7.99
N ALA A 1 10.35 -0.17 -4.06
CA ALA A 1 9.36 0.58 -4.81
C ALA A 1 8.06 -0.20 -4.94
N CYS A 2 7.01 0.48 -5.38
CA CYS A 2 5.70 -0.15 -5.54
C CYS A 2 5.70 -1.08 -6.74
N VAL A 3 5.13 -2.27 -6.57
CA VAL A 3 5.06 -3.26 -7.63
C VAL A 3 3.68 -3.28 -8.28
N GLU A 4 2.66 -3.01 -7.47
CA GLU A 4 1.28 -3.00 -7.96
C GLU A 4 0.43 -2.02 -7.17
N ASN A 5 1.02 -0.87 -6.83
CA ASN A 5 0.32 0.15 -6.07
C ASN A 5 -0.02 -0.33 -4.67
N CYS A 6 0.56 0.30 -3.67
CA CYS A 6 0.33 -0.07 -2.28
C CYS A 6 -1.17 -0.14 -1.98
N ARG A 7 -1.95 0.67 -2.70
CA ARG A 7 -3.39 0.69 -2.51
C ARG A 7 -3.99 -0.70 -2.71
N LYS A 8 -3.99 -1.17 -3.95
CA LYS A 8 -4.54 -2.48 -4.27
C LYS A 8 -3.69 -3.59 -3.66
N TYR A 9 -2.38 -3.34 -3.57
CA TYR A 9 -1.46 -4.32 -3.01
C TYR A 9 -1.82 -4.65 -1.56
N CYS A 10 -2.28 -3.64 -0.83
CA CYS A 10 -2.67 -3.82 0.57
C CYS A 10 -4.15 -4.14 0.68
N GLN A 11 -4.97 -3.51 -0.17
CA GLN A 11 -6.41 -3.73 -0.17
C GLN A 11 -6.73 -5.21 -0.37
N ASP A 12 -5.80 -5.93 -0.98
CA ASP A 12 -5.99 -7.35 -1.24
C ASP A 12 -5.74 -8.17 0.04
N LYS A 13 -4.95 -7.61 0.95
CA LYS A 13 -4.63 -8.28 2.20
C LYS A 13 -5.37 -7.64 3.37
N GLY A 14 -6.23 -6.67 3.06
CA GLY A 14 -6.99 -6.00 4.09
C GLY A 14 -6.51 -4.58 4.35
N ALA A 15 -7.13 -3.62 3.70
CA ALA A 15 -6.76 -2.22 3.86
C ALA A 15 -7.67 -1.31 3.03
N ARG A 16 -8.06 -0.18 3.62
CA ARG A 16 -8.93 0.76 2.94
C ARG A 16 -8.17 1.52 1.84
N ASN A 17 -6.93 1.88 2.16
CA ASN A 17 -6.09 2.60 1.20
C ASN A 17 -4.61 2.25 1.40
N GLY A 18 -3.76 2.78 0.53
CA GLY A 18 -2.34 2.51 0.62
C GLY A 18 -1.54 3.27 -0.43
N LYS A 19 -0.29 3.59 -0.10
CA LYS A 19 0.58 4.31 -1.02
C LYS A 19 2.05 4.03 -0.71
N CYS A 20 2.94 4.63 -1.49
CA CYS A 20 4.37 4.45 -1.30
C CYS A 20 4.93 5.54 -0.38
N ILE A 21 5.94 5.18 0.41
CA ILE A 21 6.57 6.11 1.33
C ILE A 21 8.08 6.05 1.24
N ASN A 22 8.75 7.10 1.71
CA ASN A 22 10.20 7.15 1.68
C ASN A 22 10.81 5.81 2.06
N SER A 23 10.53 5.36 3.28
CA SER A 23 11.05 4.10 3.77
C SER A 23 10.78 2.97 2.77
N ASN A 24 9.58 2.98 2.19
CA ASN A 24 9.21 1.97 1.21
C ASN A 24 7.73 2.09 0.85
N CYS A 25 6.87 1.61 1.73
CA CYS A 25 5.42 1.67 1.50
C CYS A 25 4.67 1.80 2.83
N HIS A 26 3.39 2.12 2.74
CA HIS A 26 2.55 2.27 3.92
C HIS A 26 1.07 2.24 3.55
N CYS A 27 0.30 1.40 4.24
CA CYS A 27 -1.13 1.28 3.98
C CYS A 27 -1.92 2.21 4.90
N TYR A 28 -3.24 2.16 4.77
CA TYR A 28 -4.11 3.00 5.58
C TYR A 28 -5.41 2.27 5.92
N TYR A 29 -5.66 2.08 7.21
CA TYR A 29 -6.86 1.40 7.67
C TYR A 29 -7.95 2.40 8.06
N ALA A 1 7.15 3.52 -9.81
CA ALA A 1 6.24 2.87 -8.87
C ALA A 1 6.98 1.84 -8.02
N CYS A 2 6.22 1.10 -7.22
CA CYS A 2 6.80 0.08 -6.35
C CYS A 2 6.70 -1.31 -7.00
N VAL A 3 5.48 -1.82 -7.08
CA VAL A 3 5.24 -3.13 -7.67
C VAL A 3 3.85 -3.22 -8.29
N GLU A 4 2.86 -2.68 -7.58
CA GLU A 4 1.49 -2.70 -8.05
C GLU A 4 0.61 -1.75 -7.23
N ASN A 5 1.21 -0.63 -6.83
CA ASN A 5 0.48 0.37 -6.03
C ASN A 5 0.11 -0.20 -4.67
N CYS A 6 0.68 0.38 -3.62
CA CYS A 6 0.41 -0.07 -2.26
C CYS A 6 -1.09 -0.09 -1.98
N ARG A 7 -1.83 0.77 -2.69
CA ARG A 7 -3.27 0.84 -2.52
C ARG A 7 -3.92 -0.51 -2.78
N LYS A 8 -3.81 -0.98 -4.02
CA LYS A 8 -4.39 -2.27 -4.40
C LYS A 8 -3.62 -3.42 -3.75
N TYR A 9 -2.31 -3.25 -3.62
CA TYR A 9 -1.47 -4.28 -3.03
C TYR A 9 -1.90 -4.58 -1.60
N CYS A 10 -2.19 -3.52 -0.84
CA CYS A 10 -2.61 -3.66 0.55
C CYS A 10 -4.11 -3.93 0.63
N GLN A 11 -4.87 -3.27 -0.24
CA GLN A 11 -6.32 -3.43 -0.27
C GLN A 11 -6.70 -4.90 -0.35
N ASP A 12 -5.89 -5.69 -1.05
CA ASP A 12 -6.14 -7.11 -1.21
C ASP A 12 -6.02 -7.84 0.12
N LYS A 13 -4.91 -7.60 0.82
CA LYS A 13 -4.66 -8.23 2.10
C LYS A 13 -5.55 -7.62 3.19
N GLY A 14 -6.24 -6.54 2.83
CA GLY A 14 -7.12 -5.88 3.79
C GLY A 14 -6.65 -4.49 4.13
N ALA A 15 -7.25 -3.50 3.48
CA ALA A 15 -6.89 -2.10 3.73
C ALA A 15 -7.73 -1.16 2.87
N ARG A 16 -8.16 -0.05 3.47
CA ARG A 16 -8.98 0.93 2.76
C ARG A 16 -8.14 1.69 1.73
N ASN A 17 -6.89 1.96 2.08
CA ASN A 17 -5.99 2.69 1.17
C ASN A 17 -4.55 2.31 1.45
N GLY A 18 -3.63 2.89 0.67
CA GLY A 18 -2.22 2.61 0.84
C GLY A 18 -1.36 3.32 -0.18
N LYS A 19 -0.07 3.43 0.11
CA LYS A 19 0.87 4.10 -0.80
C LYS A 19 2.32 3.76 -0.42
N CYS A 20 3.25 4.31 -1.18
CA CYS A 20 4.67 4.07 -0.94
C CYS A 20 5.24 5.12 0.01
N ILE A 21 6.21 4.71 0.83
CA ILE A 21 6.84 5.63 1.77
C ILE A 21 8.35 5.49 1.75
N ASN A 22 9.05 6.51 2.23
CA ASN A 22 10.51 6.50 2.26
C ASN A 22 11.03 5.13 2.68
N SER A 23 10.68 4.70 3.88
CA SER A 23 11.12 3.41 4.41
C SER A 23 10.85 2.30 3.39
N ASN A 24 9.67 2.36 2.77
CA ASN A 24 9.28 1.36 1.77
C ASN A 24 7.83 1.56 1.34
N CYS A 25 6.91 1.12 2.19
CA CYS A 25 5.49 1.23 1.92
C CYS A 25 4.69 1.40 3.20
N HIS A 26 3.43 1.80 3.07
CA HIS A 26 2.55 1.98 4.22
C HIS A 26 1.09 2.06 3.78
N CYS A 27 0.24 1.25 4.42
CA CYS A 27 -1.18 1.23 4.10
C CYS A 27 -1.95 2.21 4.98
N TYR A 28 -3.27 2.24 4.80
CA TYR A 28 -4.11 3.14 5.57
C TYR A 28 -5.47 2.48 5.86
N TYR A 29 -5.81 2.37 7.14
CA TYR A 29 -7.08 1.77 7.54
C TYR A 29 -8.06 2.84 7.99
N ALA A 1 9.75 1.14 -2.37
CA ALA A 1 9.18 1.21 -3.70
C ALA A 1 7.82 0.52 -3.76
N CYS A 2 7.29 0.35 -4.97
CA CYS A 2 6.01 -0.30 -5.15
C CYS A 2 6.03 -1.25 -6.35
N VAL A 3 5.18 -2.26 -6.32
CA VAL A 3 5.10 -3.24 -7.40
C VAL A 3 3.75 -3.18 -8.09
N GLU A 4 2.69 -3.01 -7.30
CA GLU A 4 1.33 -2.95 -7.84
C GLU A 4 0.49 -1.95 -7.06
N ASN A 5 1.10 -0.82 -6.71
CA ASN A 5 0.40 0.22 -5.96
C ASN A 5 0.02 -0.27 -4.56
N CYS A 6 0.57 0.37 -3.54
CA CYS A 6 0.27 0.00 -2.16
C CYS A 6 -1.22 -0.05 -1.91
N ARG A 7 -1.97 0.75 -2.67
CA ARG A 7 -3.42 0.80 -2.54
C ARG A 7 -4.03 -0.58 -2.75
N LYS A 8 -4.01 -1.03 -4.00
CA LYS A 8 -4.57 -2.34 -4.34
C LYS A 8 -3.74 -3.47 -3.73
N TYR A 9 -2.44 -3.22 -3.60
CA TYR A 9 -1.54 -4.22 -3.02
C TYR A 9 -1.95 -4.57 -1.59
N CYS A 10 -2.38 -3.56 -0.84
CA CYS A 10 -2.81 -3.76 0.54
C CYS A 10 -4.31 -4.06 0.61
N GLN A 11 -5.08 -3.36 -0.22
CA GLN A 11 -6.52 -3.54 -0.25
C GLN A 11 -6.88 -4.99 -0.55
N ASP A 12 -5.96 -5.70 -1.19
CA ASP A 12 -6.17 -7.11 -1.54
C ASP A 12 -5.94 -8.00 -0.33
N LYS A 13 -5.22 -7.49 0.66
CA LYS A 13 -4.93 -8.25 1.87
C LYS A 13 -5.63 -7.63 3.08
N GLY A 14 -6.46 -6.63 2.83
CA GLY A 14 -7.17 -5.97 3.91
C GLY A 14 -6.64 -4.59 4.20
N ALA A 15 -7.26 -3.58 3.60
CA ALA A 15 -6.84 -2.19 3.81
C ALA A 15 -7.73 -1.23 3.03
N ARG A 16 -8.08 -0.12 3.67
CA ARG A 16 -8.93 0.89 3.05
C ARG A 16 -8.17 1.66 1.98
N ASN A 17 -6.91 1.97 2.27
CA ASN A 17 -6.06 2.72 1.35
C ASN A 17 -4.60 2.34 1.52
N GLY A 18 -3.74 2.89 0.66
CA GLY A 18 -2.32 2.60 0.74
C GLY A 18 -1.52 3.38 -0.28
N LYS A 19 -0.26 3.66 0.06
CA LYS A 19 0.61 4.41 -0.83
C LYS A 19 2.08 4.10 -0.54
N CYS A 20 2.98 4.70 -1.31
CA CYS A 20 4.41 4.49 -1.13
C CYS A 20 4.99 5.53 -0.16
N ILE A 21 6.00 5.11 0.59
CA ILE A 21 6.64 6.00 1.56
C ILE A 21 8.16 5.90 1.47
N ASN A 22 8.85 6.94 1.94
CA ASN A 22 10.30 6.96 1.91
C ASN A 22 10.88 5.60 2.27
N SER A 23 10.59 5.14 3.48
CA SER A 23 11.08 3.85 3.95
C SER A 23 10.80 2.76 2.92
N ASN A 24 9.61 2.78 2.35
CA ASN A 24 9.20 1.80 1.35
C ASN A 24 7.73 1.96 0.98
N CYS A 25 6.86 1.46 1.84
CA CYS A 25 5.42 1.54 1.62
C CYS A 25 4.66 1.63 2.94
N HIS A 26 3.40 2.04 2.86
CA HIS A 26 2.56 2.17 4.04
C HIS A 26 1.09 2.18 3.68
N CYS A 27 0.31 1.34 4.34
CA CYS A 27 -1.12 1.24 4.08
C CYS A 27 -1.92 2.13 5.04
N TYR A 28 -3.24 2.12 4.90
CA TYR A 28 -4.10 2.93 5.75
C TYR A 28 -5.40 2.19 6.06
N TYR A 29 -5.65 1.97 7.34
CA TYR A 29 -6.85 1.28 7.78
C TYR A 29 -7.92 2.27 8.23
N ALA A 1 10.43 -0.98 -4.34
CA ALA A 1 9.38 0.03 -4.43
C ALA A 1 8.03 -0.62 -4.70
N CYS A 2 7.04 0.20 -5.02
CA CYS A 2 5.69 -0.29 -5.29
C CYS A 2 5.70 -1.24 -6.48
N VAL A 3 5.15 -2.44 -6.29
CA VAL A 3 5.09 -3.44 -7.34
C VAL A 3 3.73 -3.43 -8.02
N GLU A 4 2.69 -3.14 -7.26
CA GLU A 4 1.34 -3.10 -7.78
C GLU A 4 0.48 -2.09 -7.02
N ASN A 5 1.07 -0.96 -6.69
CA ASN A 5 0.37 0.09 -5.95
C ASN A 5 0.01 -0.38 -4.55
N CYS A 6 0.55 0.28 -3.54
CA CYS A 6 0.29 -0.06 -2.15
C CYS A 6 -1.22 -0.12 -1.89
N ARG A 7 -1.98 0.66 -2.65
CA ARG A 7 -3.43 0.69 -2.50
C ARG A 7 -4.03 -0.71 -2.67
N LYS A 8 -4.01 -1.20 -3.91
CA LYS A 8 -4.55 -2.52 -4.20
C LYS A 8 -3.71 -3.61 -3.54
N TYR A 9 -2.42 -3.37 -3.43
CA TYR A 9 -1.50 -4.33 -2.82
C TYR A 9 -1.91 -4.63 -1.38
N CYS A 10 -2.36 -3.59 -0.67
CA CYS A 10 -2.79 -3.74 0.72
C CYS A 10 -4.28 -4.07 0.79
N GLN A 11 -5.06 -3.44 -0.08
CA GLN A 11 -6.50 -3.67 -0.12
C GLN A 11 -6.83 -5.14 -0.32
N ASP A 12 -5.88 -5.87 -0.91
CA ASP A 12 -6.06 -7.29 -1.16
C ASP A 12 -5.81 -8.11 0.10
N LYS A 13 -5.10 -7.51 1.06
CA LYS A 13 -4.79 -8.18 2.31
C LYS A 13 -5.49 -7.51 3.47
N GLY A 14 -6.37 -6.55 3.16
CA GLY A 14 -7.10 -5.85 4.19
C GLY A 14 -6.57 -4.45 4.43
N ALA A 15 -7.18 -3.46 3.77
CA ALA A 15 -6.77 -2.07 3.91
C ALA A 15 -7.65 -1.16 3.08
N ARG A 16 -8.06 -0.04 3.68
CA ARG A 16 -8.91 0.93 2.99
C ARG A 16 -8.14 1.66 1.89
N ASN A 17 -6.93 2.10 2.23
CA ASN A 17 -6.09 2.81 1.26
C ASN A 17 -4.62 2.44 1.45
N GLY A 18 -3.79 2.89 0.52
CA GLY A 18 -2.36 2.58 0.59
C GLY A 18 -1.56 3.36 -0.43
N LYS A 19 -0.29 3.63 -0.10
CA LYS A 19 0.58 4.37 -0.99
C LYS A 19 2.05 4.09 -0.66
N CYS A 20 2.95 4.68 -1.45
CA CYS A 20 4.38 4.49 -1.24
C CYS A 20 4.94 5.58 -0.32
N ILE A 21 5.96 5.22 0.45
CA ILE A 21 6.59 6.17 1.36
C ILE A 21 8.11 6.09 1.27
N ASN A 22 8.77 7.15 1.73
CA ASN A 22 10.23 7.21 1.70
C ASN A 22 10.84 5.87 2.08
N SER A 23 10.56 5.43 3.30
CA SER A 23 11.09 4.16 3.79
C SER A 23 10.82 3.03 2.79
N ASN A 24 9.62 3.03 2.22
CA ASN A 24 9.23 2.02 1.25
C ASN A 24 7.76 2.15 0.87
N CYS A 25 6.90 1.66 1.77
CA CYS A 25 5.45 1.72 1.54
C CYS A 25 4.70 1.86 2.86
N HIS A 26 3.42 2.17 2.77
CA HIS A 26 2.58 2.34 3.96
C HIS A 26 1.10 2.33 3.59
N CYS A 27 0.32 1.54 4.33
CA CYS A 27 -1.12 1.44 4.07
C CYS A 27 -1.90 2.37 5.00
N TYR A 28 -3.22 2.36 4.86
CA TYR A 28 -4.08 3.20 5.68
C TYR A 28 -5.37 2.49 6.02
N TYR A 29 -5.61 2.28 7.31
CA TYR A 29 -6.82 1.60 7.77
C TYR A 29 -7.88 2.62 8.18
N ALA A 1 9.60 -1.32 -2.45
CA ALA A 1 9.24 -0.54 -3.62
C ALA A 1 7.82 -0.87 -4.09
N CYS A 2 7.24 0.02 -4.89
CA CYS A 2 5.89 -0.20 -5.40
C CYS A 2 5.91 -1.11 -6.63
N VAL A 3 5.01 -2.08 -6.65
CA VAL A 3 4.92 -3.03 -7.76
C VAL A 3 3.53 -3.01 -8.38
N GLU A 4 2.51 -2.82 -7.55
CA GLU A 4 1.13 -2.78 -8.02
C GLU A 4 0.30 -1.82 -7.18
N ASN A 5 0.89 -0.69 -6.83
CA ASN A 5 0.21 0.32 -6.03
C ASN A 5 -0.09 -0.21 -4.63
N CYS A 6 0.50 0.42 -3.62
CA CYS A 6 0.30 0.01 -2.24
C CYS A 6 -1.18 -0.10 -1.91
N ARG A 7 -1.99 0.71 -2.58
CA ARG A 7 -3.43 0.70 -2.36
C ARG A 7 -4.01 -0.69 -2.59
N LYS A 8 -4.02 -1.12 -3.85
CA LYS A 8 -4.55 -2.44 -4.21
C LYS A 8 -3.67 -3.54 -3.62
N TYR A 9 -2.38 -3.28 -3.53
CA TYR A 9 -1.44 -4.25 -2.99
C TYR A 9 -1.80 -4.62 -1.55
N CYS A 10 -2.30 -3.64 -0.81
CA CYS A 10 -2.68 -3.85 0.58
C CYS A 10 -4.17 -4.21 0.69
N GLN A 11 -4.97 -3.62 -0.19
CA GLN A 11 -6.41 -3.87 -0.18
C GLN A 11 -6.70 -5.34 -0.48
N ASP A 12 -5.76 -6.01 -1.14
CA ASP A 12 -5.92 -7.41 -1.48
C ASP A 12 -5.56 -8.30 -0.29
N LYS A 13 -4.94 -7.71 0.72
CA LYS A 13 -4.55 -8.45 1.91
C LYS A 13 -5.20 -7.86 3.16
N GLY A 14 -6.10 -6.90 2.95
CA GLY A 14 -6.79 -6.28 4.07
C GLY A 14 -6.30 -4.87 4.34
N ALA A 15 -6.95 -3.89 3.73
CA ALA A 15 -6.57 -2.49 3.90
C ALA A 15 -7.49 -1.56 3.12
N ARG A 16 -7.85 -0.43 3.73
CA ARG A 16 -8.74 0.53 3.09
C ARG A 16 -8.00 1.30 1.99
N ASN A 17 -6.82 1.79 2.33
CA ASN A 17 -6.01 2.55 1.38
C ASN A 17 -4.53 2.20 1.51
N GLY A 18 -3.73 2.68 0.57
CA GLY A 18 -2.30 2.40 0.59
C GLY A 18 -1.53 3.24 -0.39
N LYS A 19 -0.29 3.59 -0.04
CA LYS A 19 0.56 4.39 -0.91
C LYS A 19 2.03 4.14 -0.62
N CYS A 20 2.90 4.76 -1.41
CA CYS A 20 4.34 4.59 -1.24
C CYS A 20 4.91 5.65 -0.29
N ILE A 21 5.92 5.26 0.48
CA ILE A 21 6.54 6.17 1.44
C ILE A 21 8.06 6.11 1.33
N ASN A 22 8.71 7.17 1.80
CA ASN A 22 10.17 7.23 1.76
C ASN A 22 10.79 5.89 2.13
N SER A 23 10.52 5.43 3.34
CA SER A 23 11.05 4.15 3.81
C SER A 23 10.79 3.05 2.79
N ASN A 24 9.59 3.04 2.23
CA ASN A 24 9.21 2.03 1.23
C ASN A 24 7.73 2.16 0.87
N CYS A 25 6.87 1.63 1.76
CA CYS A 25 5.44 1.68 1.53
C CYS A 25 4.69 1.75 2.85
N HIS A 26 3.42 2.13 2.79
CA HIS A 26 2.59 2.25 3.98
C HIS A 26 1.10 2.18 3.62
N CYS A 27 0.36 1.37 4.37
CA CYS A 27 -1.07 1.21 4.13
C CYS A 27 -1.89 2.06 5.11
N TYR A 28 -3.20 2.04 4.95
CA TYR A 28 -4.08 2.80 5.82
C TYR A 28 -5.35 2.00 6.15
N TYR A 29 -5.54 1.72 7.43
CA TYR A 29 -6.70 0.96 7.88
C TYR A 29 -7.82 1.90 8.35
N ALA A 1 9.75 -1.62 -2.54
CA ALA A 1 9.33 -0.67 -3.55
C ALA A 1 7.94 -1.00 -4.08
N CYS A 2 7.28 -0.01 -4.68
CA CYS A 2 5.94 -0.20 -5.22
C CYS A 2 5.97 -1.09 -6.46
N VAL A 3 5.11 -2.09 -6.47
CA VAL A 3 5.04 -3.02 -7.60
C VAL A 3 3.67 -2.95 -8.27
N GLU A 4 2.63 -2.87 -7.47
CA GLU A 4 1.26 -2.80 -7.99
C GLU A 4 0.42 -1.82 -7.18
N ASN A 5 1.01 -0.69 -6.82
CA ASN A 5 0.32 0.33 -6.04
C ASN A 5 -0.02 -0.19 -4.65
N CYS A 6 0.55 0.45 -3.63
CA CYS A 6 0.31 0.05 -2.25
C CYS A 6 -1.18 -0.03 -1.96
N ARG A 7 -1.96 0.79 -2.66
CA ARG A 7 -3.41 0.81 -2.48
C ARG A 7 -4.00 -0.58 -2.71
N LYS A 8 -3.98 -1.02 -3.96
CA LYS A 8 -4.51 -2.33 -4.33
C LYS A 8 -3.68 -3.44 -3.72
N TYR A 9 -2.38 -3.20 -3.61
CA TYR A 9 -1.46 -4.19 -3.05
C TYR A 9 -1.85 -4.55 -1.62
N CYS A 10 -2.33 -3.55 -0.88
CA CYS A 10 -2.75 -3.76 0.50
C CYS A 10 -4.24 -4.08 0.58
N GLN A 11 -5.02 -3.47 -0.29
CA GLN A 11 -6.46 -3.69 -0.32
C GLN A 11 -6.78 -5.15 -0.65
N ASP A 12 -5.84 -5.83 -1.29
CA ASP A 12 -6.02 -7.23 -1.67
C ASP A 12 -5.70 -8.14 -0.49
N LYS A 13 -5.09 -7.58 0.54
CA LYS A 13 -4.73 -8.35 1.74
C LYS A 13 -5.42 -7.77 2.97
N GLY A 14 -6.26 -6.78 2.77
CA GLY A 14 -6.96 -6.17 3.89
C GLY A 14 -6.47 -4.77 4.18
N ALA A 15 -7.10 -3.77 3.57
CA ALA A 15 -6.71 -2.38 3.77
C ALA A 15 -7.60 -1.43 2.98
N ARG A 16 -7.90 -0.28 3.56
CA ARG A 16 -8.75 0.71 2.90
C ARG A 16 -7.98 1.47 1.81
N ASN A 17 -6.80 1.97 2.18
CA ASN A 17 -5.97 2.70 1.24
C ASN A 17 -4.50 2.32 1.39
N GLY A 18 -3.67 2.77 0.46
CA GLY A 18 -2.25 2.46 0.50
C GLY A 18 -1.45 3.31 -0.46
N LYS A 19 -0.22 3.64 -0.07
CA LYS A 19 0.65 4.45 -0.89
C LYS A 19 2.12 4.16 -0.57
N CYS A 20 3.02 4.79 -1.33
CA CYS A 20 4.45 4.60 -1.14
C CYS A 20 5.01 5.63 -0.16
N ILE A 21 5.97 5.23 0.65
CA ILE A 21 6.59 6.11 1.62
C ILE A 21 8.12 6.03 1.57
N ASN A 22 8.77 7.07 2.05
CA ASN A 22 10.23 7.11 2.05
C ASN A 22 10.81 5.75 2.43
N SER A 23 10.50 5.29 3.63
CA SER A 23 10.99 4.00 4.11
C SER A 23 10.74 2.91 3.08
N ASN A 24 9.56 2.92 2.48
CA ASN A 24 9.19 1.93 1.48
C ASN A 24 7.73 2.07 1.08
N CYS A 25 6.84 1.57 1.93
CA CYS A 25 5.41 1.64 1.66
C CYS A 25 4.62 1.72 2.97
N HIS A 26 3.36 2.14 2.87
CA HIS A 26 2.50 2.25 4.04
C HIS A 26 1.03 2.20 3.65
N CYS A 27 0.25 1.42 4.39
CA CYS A 27 -1.18 1.28 4.12
C CYS A 27 -2.00 2.12 5.09
N TYR A 28 -3.31 2.14 4.89
CA TYR A 28 -4.21 2.90 5.74
C TYR A 28 -5.48 2.10 6.04
N TYR A 29 -5.70 1.81 7.32
CA TYR A 29 -6.88 1.06 7.74
C TYR A 29 -7.99 2.01 8.20
N ALA A 1 9.42 -1.45 -2.22
CA ALA A 1 9.07 -0.64 -3.39
C ALA A 1 7.65 -0.93 -3.85
N CYS A 2 7.19 -0.19 -4.85
CA CYS A 2 5.84 -0.37 -5.38
C CYS A 2 5.86 -1.28 -6.61
N VAL A 3 4.95 -2.24 -6.64
CA VAL A 3 4.86 -3.17 -7.75
C VAL A 3 3.47 -3.14 -8.38
N GLU A 4 2.44 -2.96 -7.54
CA GLU A 4 1.07 -2.91 -8.01
C GLU A 4 0.24 -1.92 -7.19
N ASN A 5 0.84 -0.79 -6.85
CA ASN A 5 0.17 0.22 -6.05
C ASN A 5 -0.13 -0.29 -4.64
N CYS A 6 0.47 0.35 -3.65
CA CYS A 6 0.28 -0.04 -2.26
C CYS A 6 -1.21 -0.15 -1.93
N ARG A 7 -2.02 0.66 -2.60
CA ARG A 7 -3.46 0.66 -2.38
C ARG A 7 -4.04 -0.73 -2.60
N LYS A 8 -4.06 -1.17 -3.85
CA LYS A 8 -4.58 -2.48 -4.19
C LYS A 8 -3.71 -3.59 -3.61
N TYR A 9 -2.41 -3.33 -3.51
CA TYR A 9 -1.48 -4.30 -2.97
C TYR A 9 -1.83 -4.65 -1.54
N CYS A 10 -2.32 -3.67 -0.80
CA CYS A 10 -2.71 -3.88 0.60
C CYS A 10 -4.20 -4.22 0.71
N GLN A 11 -5.00 -3.64 -0.17
CA GLN A 11 -6.43 -3.88 -0.16
C GLN A 11 -6.74 -5.35 -0.45
N ASP A 12 -5.80 -6.03 -1.11
CA ASP A 12 -5.97 -7.44 -1.44
C ASP A 12 -5.60 -8.32 -0.25
N LYS A 13 -4.99 -7.72 0.76
CA LYS A 13 -4.59 -8.45 1.95
C LYS A 13 -5.23 -7.87 3.20
N GLY A 14 -6.12 -6.90 3.00
CA GLY A 14 -6.81 -6.27 4.11
C GLY A 14 -6.32 -4.86 4.37
N ALA A 15 -6.96 -3.88 3.75
CA ALA A 15 -6.59 -2.49 3.92
C ALA A 15 -7.51 -1.56 3.14
N ARG A 16 -7.86 -0.43 3.73
CA ARG A 16 -8.74 0.53 3.09
C ARG A 16 -8.00 1.30 1.98
N ASN A 17 -6.82 1.80 2.31
CA ASN A 17 -6.02 2.55 1.35
C ASN A 17 -4.53 2.19 1.48
N GLY A 18 -3.73 2.66 0.53
CA GLY A 18 -2.31 2.38 0.56
C GLY A 18 -1.54 3.21 -0.45
N LYS A 19 -0.30 3.55 -0.10
CA LYS A 19 0.54 4.36 -0.96
C LYS A 19 2.02 4.10 -0.68
N CYS A 20 2.88 4.71 -1.48
CA CYS A 20 4.33 4.55 -1.31
C CYS A 20 4.89 5.60 -0.37
N ILE A 21 5.91 5.22 0.40
CA ILE A 21 6.54 6.14 1.35
C ILE A 21 8.06 6.06 1.24
N ASN A 22 8.72 7.12 1.70
CA ASN A 22 10.17 7.19 1.66
C ASN A 22 10.78 5.85 2.04
N SER A 23 10.52 5.39 3.25
CA SER A 23 11.05 4.12 3.73
C SER A 23 10.79 3.01 2.72
N ASN A 24 9.58 3.00 2.16
CA ASN A 24 9.20 1.99 1.17
C ASN A 24 7.72 2.11 0.82
N CYS A 25 6.87 1.60 1.70
CA CYS A 25 5.42 1.65 1.48
C CYS A 25 4.68 1.73 2.81
N HIS A 26 3.40 2.12 2.74
CA HIS A 26 2.58 2.24 3.94
C HIS A 26 1.10 2.17 3.58
N CYS A 27 0.34 1.38 4.34
CA CYS A 27 -1.08 1.23 4.10
C CYS A 27 -1.89 2.07 5.08
N TYR A 28 -3.20 2.05 4.93
CA TYR A 28 -4.09 2.82 5.79
C TYR A 28 -5.35 2.03 6.13
N TYR A 29 -5.54 1.75 7.42
CA TYR A 29 -6.70 0.98 7.88
C TYR A 29 -7.78 1.93 8.39
N ALA A 1 9.93 -0.29 -3.06
CA ALA A 1 9.35 0.36 -4.23
C ALA A 1 7.93 -0.13 -4.47
N CYS A 2 7.27 0.43 -5.48
CA CYS A 2 5.90 0.05 -5.81
C CYS A 2 5.88 -0.93 -6.99
N VAL A 3 4.99 -1.90 -6.93
CA VAL A 3 4.87 -2.89 -8.00
C VAL A 3 3.46 -2.91 -8.58
N GLU A 4 2.46 -2.68 -7.73
CA GLU A 4 1.07 -2.66 -8.16
C GLU A 4 0.25 -1.70 -7.30
N ASN A 5 0.85 -0.57 -6.94
CA ASN A 5 0.18 0.43 -6.12
C ASN A 5 -0.12 -0.12 -4.73
N CYS A 6 0.51 0.48 -3.72
CA CYS A 6 0.32 0.05 -2.34
C CYS A 6 -1.16 -0.02 -2.00
N ARG A 7 -1.96 0.82 -2.64
CA ARG A 7 -3.40 0.85 -2.41
C ARG A 7 -4.01 -0.52 -2.60
N LYS A 8 -4.05 -0.98 -3.85
CA LYS A 8 -4.61 -2.29 -4.18
C LYS A 8 -3.76 -3.40 -3.58
N TYR A 9 -2.45 -3.19 -3.56
CA TYR A 9 -1.53 -4.19 -3.02
C TYR A 9 -1.86 -4.51 -1.57
N CYS A 10 -2.35 -3.51 -0.84
CA CYS A 10 -2.71 -3.69 0.56
C CYS A 10 -4.20 -4.00 0.70
N GLN A 11 -5.01 -3.42 -0.17
CA GLN A 11 -6.45 -3.64 -0.15
C GLN A 11 -6.78 -5.09 -0.47
N ASP A 12 -5.85 -5.79 -1.10
CA ASP A 12 -6.05 -7.18 -1.46
C ASP A 12 -5.68 -8.10 -0.29
N LYS A 13 -5.06 -7.53 0.73
CA LYS A 13 -4.66 -8.29 1.90
C LYS A 13 -5.35 -7.77 3.16
N GLY A 14 -6.15 -6.72 2.99
CA GLY A 14 -6.86 -6.14 4.12
C GLY A 14 -6.41 -4.73 4.43
N ALA A 15 -7.07 -3.76 3.79
CA ALA A 15 -6.73 -2.36 4.00
C ALA A 15 -7.64 -1.45 3.19
N ARG A 16 -7.96 -0.28 3.74
CA ARG A 16 -8.82 0.68 3.07
C ARG A 16 -8.06 1.43 1.99
N ASN A 17 -6.85 1.87 2.31
CA ASN A 17 -6.02 2.61 1.36
C ASN A 17 -4.54 2.28 1.57
N GLY A 18 -3.69 2.87 0.75
CA GLY A 18 -2.26 2.63 0.85
C GLY A 18 -1.47 3.35 -0.23
N LYS A 19 -0.22 3.69 0.08
CA LYS A 19 0.63 4.37 -0.88
C LYS A 19 2.10 4.05 -0.62
N CYS A 20 2.98 4.64 -1.41
CA CYS A 20 4.42 4.41 -1.27
C CYS A 20 5.04 5.44 -0.33
N ILE A 21 6.01 4.99 0.46
CA ILE A 21 6.69 5.87 1.41
C ILE A 21 8.20 5.71 1.32
N ASN A 22 8.92 6.74 1.77
CA ASN A 22 10.38 6.72 1.74
C ASN A 22 10.91 5.34 2.13
N SER A 23 10.60 4.91 3.35
CA SER A 23 11.05 3.62 3.84
C SER A 23 10.73 2.52 2.84
N ASN A 24 9.54 2.57 2.26
CA ASN A 24 9.11 1.57 1.29
C ASN A 24 7.64 1.76 0.93
N CYS A 25 6.75 1.30 1.81
CA CYS A 25 5.31 1.42 1.58
C CYS A 25 4.57 1.57 2.90
N HIS A 26 3.32 2.03 2.83
CA HIS A 26 2.50 2.21 4.01
C HIS A 26 1.01 2.20 3.65
N CYS A 27 0.24 1.40 4.37
CA CYS A 27 -1.20 1.29 4.13
C CYS A 27 -1.98 2.20 5.09
N TYR A 28 -3.29 2.22 4.93
CA TYR A 28 -4.15 3.04 5.77
C TYR A 28 -5.43 2.30 6.13
N TYR A 29 -5.67 2.12 7.42
CA TYR A 29 -6.85 1.43 7.90
C TYR A 29 -7.89 2.43 8.42
N ALA A 1 9.49 -1.73 -2.48
CA ALA A 1 9.20 -0.88 -3.61
C ALA A 1 7.81 -1.15 -4.17
N CYS A 2 7.19 -0.13 -4.73
CA CYS A 2 5.85 -0.25 -5.30
C CYS A 2 5.87 -1.14 -6.54
N VAL A 3 5.01 -2.15 -6.55
CA VAL A 3 4.92 -3.06 -7.68
C VAL A 3 3.54 -3.01 -8.33
N GLU A 4 2.51 -2.94 -7.50
CA GLU A 4 1.13 -2.87 -8.00
C GLU A 4 0.30 -1.89 -7.18
N ASN A 5 0.89 -0.76 -6.85
CA ASN A 5 0.22 0.27 -6.07
C ASN A 5 -0.09 -0.24 -4.66
N CYS A 6 0.52 0.40 -3.66
CA CYS A 6 0.31 0.01 -2.27
C CYS A 6 -1.18 -0.06 -1.94
N ARG A 7 -1.98 0.75 -2.63
CA ARG A 7 -3.41 0.77 -2.41
C ARG A 7 -4.02 -0.62 -2.59
N LYS A 8 -4.05 -1.09 -3.84
CA LYS A 8 -4.60 -2.40 -4.15
C LYS A 8 -3.72 -3.50 -3.57
N TYR A 9 -2.42 -3.27 -3.53
CA TYR A 9 -1.47 -4.25 -3.00
C TYR A 9 -1.82 -4.58 -1.55
N CYS A 10 -2.26 -3.58 -0.79
CA CYS A 10 -2.63 -3.78 0.60
C CYS A 10 -4.11 -4.12 0.74
N GLN A 11 -4.94 -3.45 -0.06
CA GLN A 11 -6.38 -3.68 -0.02
C GLN A 11 -6.69 -5.15 -0.25
N ASP A 12 -5.84 -5.83 -1.01
CA ASP A 12 -6.03 -7.24 -1.32
C ASP A 12 -5.78 -8.10 -0.09
N LYS A 13 -4.97 -7.58 0.84
CA LYS A 13 -4.65 -8.30 2.06
C LYS A 13 -5.34 -7.66 3.27
N GLY A 14 -6.18 -6.67 3.00
CA GLY A 14 -6.88 -5.99 4.07
C GLY A 14 -6.33 -4.61 4.35
N ALA A 15 -7.00 -3.58 3.84
CA ALA A 15 -6.58 -2.20 4.04
C ALA A 15 -7.49 -1.23 3.31
N ARG A 16 -7.73 -0.08 3.93
CA ARG A 16 -8.59 0.94 3.33
C ARG A 16 -7.89 1.64 2.16
N ASN A 17 -6.60 1.94 2.36
CA ASN A 17 -5.82 2.61 1.33
C ASN A 17 -4.35 2.22 1.42
N GLY A 18 -3.56 2.69 0.47
CA GLY A 18 -2.14 2.38 0.46
C GLY A 18 -1.36 3.22 -0.53
N LYS A 19 -0.14 3.60 -0.16
CA LYS A 19 0.70 4.41 -1.03
C LYS A 19 2.18 4.16 -0.73
N CYS A 20 3.05 4.79 -1.51
CA CYS A 20 4.49 4.64 -1.34
C CYS A 20 5.04 5.71 -0.40
N ILE A 21 6.01 5.32 0.43
CA ILE A 21 6.61 6.25 1.38
C ILE A 21 8.14 6.20 1.30
N ASN A 22 8.79 7.26 1.76
CA ASN A 22 10.24 7.32 1.75
C ASN A 22 10.86 5.99 2.13
N SER A 23 10.57 5.53 3.35
CA SER A 23 11.09 4.27 3.84
C SER A 23 10.84 3.15 2.84
N ASN A 24 9.65 3.13 2.26
CA ASN A 24 9.29 2.12 1.27
C ASN A 24 7.82 2.22 0.90
N CYS A 25 6.95 1.71 1.78
CA CYS A 25 5.51 1.75 1.54
C CYS A 25 4.75 1.85 2.86
N HIS A 26 3.47 2.22 2.77
CA HIS A 26 2.63 2.36 3.95
C HIS A 26 1.15 2.27 3.58
N CYS A 27 0.40 1.51 4.37
CA CYS A 27 -1.02 1.33 4.13
C CYS A 27 -1.85 2.20 5.09
N TYR A 28 -3.16 2.18 4.90
CA TYR A 28 -4.06 2.96 5.74
C TYR A 28 -5.32 2.16 6.08
N TYR A 29 -5.70 2.20 7.36
CA TYR A 29 -6.88 1.47 7.81
C TYR A 29 -7.88 2.42 8.47
N ALA A 1 9.13 1.38 -5.15
CA ALA A 1 8.66 1.63 -6.50
C ALA A 1 7.23 1.13 -6.69
N CYS A 2 6.61 0.71 -5.59
CA CYS A 2 5.24 0.21 -5.65
C CYS A 2 5.09 -0.85 -6.72
N VAL A 3 5.38 -2.11 -6.37
CA VAL A 3 5.27 -3.22 -7.31
C VAL A 3 3.91 -3.22 -8.00
N GLU A 4 2.89 -2.80 -7.28
CA GLU A 4 1.53 -2.75 -7.82
C GLU A 4 0.65 -1.79 -7.02
N ASN A 5 1.23 -0.66 -6.64
CA ASN A 5 0.50 0.35 -5.87
C ASN A 5 0.12 -0.19 -4.49
N CYS A 6 0.71 0.41 -3.45
CA CYS A 6 0.43 -0.01 -2.09
C CYS A 6 -1.07 -0.04 -1.81
N ARG A 7 -1.81 0.80 -2.53
CA ARG A 7 -3.27 0.87 -2.37
C ARG A 7 -3.91 -0.50 -2.63
N LYS A 8 -3.75 -0.99 -3.85
CA LYS A 8 -4.32 -2.28 -4.23
C LYS A 8 -3.53 -3.42 -3.58
N TYR A 9 -2.23 -3.25 -3.45
CA TYR A 9 -1.37 -4.25 -2.84
C TYR A 9 -1.81 -4.56 -1.42
N CYS A 10 -2.27 -3.53 -0.72
CA CYS A 10 -2.72 -3.69 0.66
C CYS A 10 -4.22 -3.94 0.72
N GLN A 11 -4.94 -3.43 -0.26
CA GLN A 11 -6.39 -3.61 -0.32
C GLN A 11 -6.74 -5.05 -0.65
N ASP A 12 -5.81 -5.76 -1.27
CA ASP A 12 -6.02 -7.15 -1.63
C ASP A 12 -5.74 -8.07 -0.44
N LYS A 13 -5.21 -7.51 0.63
CA LYS A 13 -4.88 -8.27 1.83
C LYS A 13 -5.64 -7.73 3.04
N GLY A 14 -6.32 -6.60 2.85
CA GLY A 14 -7.07 -6.00 3.93
C GLY A 14 -6.56 -4.62 4.30
N ALA A 15 -7.12 -3.60 3.66
CA ALA A 15 -6.72 -2.22 3.92
C ALA A 15 -7.59 -1.24 3.15
N ARG A 16 -7.88 -0.09 3.77
CA ARG A 16 -8.70 0.93 3.14
C ARG A 16 -7.94 1.63 2.02
N ASN A 17 -6.74 2.10 2.34
CA ASN A 17 -5.91 2.79 1.36
C ASN A 17 -4.45 2.38 1.50
N GLY A 18 -3.62 2.78 0.54
CA GLY A 18 -2.21 2.46 0.58
C GLY A 18 -1.40 3.25 -0.42
N LYS A 19 -0.16 3.59 -0.04
CA LYS A 19 0.71 4.36 -0.91
C LYS A 19 2.18 4.06 -0.61
N CYS A 20 3.08 4.62 -1.40
CA CYS A 20 4.50 4.40 -1.23
C CYS A 20 5.10 5.46 -0.29
N ILE A 21 6.05 5.03 0.53
CA ILE A 21 6.70 5.94 1.47
C ILE A 21 8.22 5.82 1.40
N ASN A 22 8.92 6.85 1.84
CA ASN A 22 10.38 6.86 1.83
C ASN A 22 10.93 5.50 2.24
N SER A 23 10.61 5.09 3.46
CA SER A 23 11.08 3.81 3.98
C SER A 23 10.80 2.69 2.99
N ASN A 24 9.60 2.71 2.41
CA ASN A 24 9.20 1.69 1.44
C ASN A 24 7.73 1.85 1.06
N CYS A 25 6.84 1.39 1.94
CA CYS A 25 5.41 1.47 1.69
C CYS A 25 4.65 1.63 3.00
N HIS A 26 3.40 2.08 2.91
CA HIS A 26 2.56 2.26 4.08
C HIS A 26 1.08 2.22 3.70
N CYS A 27 0.29 1.51 4.48
CA CYS A 27 -1.14 1.40 4.23
C CYS A 27 -1.94 2.27 5.21
N TYR A 28 -3.24 2.32 5.00
CA TYR A 28 -4.12 3.12 5.86
C TYR A 28 -5.40 2.36 6.20
N TYR A 29 -5.62 2.12 7.48
CA TYR A 29 -6.80 1.40 7.93
C TYR A 29 -7.85 2.37 8.48
N ALA A 1 12.09 -0.51 -6.28
CA ALA A 1 10.92 0.23 -6.74
C ALA A 1 9.64 -0.41 -6.23
N CYS A 2 8.52 0.30 -6.39
CA CYS A 2 7.22 -0.21 -5.96
C CYS A 2 6.67 -1.23 -6.95
N VAL A 3 6.59 -2.48 -6.51
CA VAL A 3 6.09 -3.55 -7.36
C VAL A 3 4.73 -3.18 -7.97
N GLU A 4 3.96 -2.39 -7.23
CA GLU A 4 2.64 -1.96 -7.70
C GLU A 4 2.06 -0.91 -6.77
N ASN A 5 0.75 -0.66 -6.91
CA ASN A 5 0.07 0.33 -6.09
C ASN A 5 -0.21 -0.23 -4.69
N CYS A 6 0.44 0.36 -3.69
CA CYS A 6 0.26 -0.07 -2.31
C CYS A 6 -1.22 -0.16 -1.95
N ARG A 7 -2.03 0.65 -2.61
CA ARG A 7 -3.47 0.66 -2.36
C ARG A 7 -4.08 -0.70 -2.66
N LYS A 8 -4.04 -1.10 -3.92
CA LYS A 8 -4.59 -2.39 -4.34
C LYS A 8 -3.81 -3.55 -3.71
N TYR A 9 -2.49 -3.39 -3.63
CA TYR A 9 -1.64 -4.42 -3.05
C TYR A 9 -2.04 -4.70 -1.60
N CYS A 10 -2.12 -3.65 -0.79
CA CYS A 10 -2.48 -3.78 0.60
C CYS A 10 -3.97 -4.06 0.76
N GLN A 11 -4.74 -3.68 -0.26
CA GLN A 11 -6.20 -3.88 -0.25
C GLN A 11 -6.53 -5.36 -0.32
N ASP A 12 -5.69 -6.13 -1.00
CA ASP A 12 -5.89 -7.56 -1.15
C ASP A 12 -5.67 -8.28 0.18
N LYS A 13 -4.55 -7.98 0.84
CA LYS A 13 -4.22 -8.60 2.11
C LYS A 13 -5.12 -8.07 3.22
N GLY A 14 -5.81 -6.96 2.94
CA GLY A 14 -6.71 -6.37 3.93
C GLY A 14 -6.32 -4.95 4.26
N ALA A 15 -6.98 -3.99 3.60
CA ALA A 15 -6.71 -2.58 3.83
C ALA A 15 -7.63 -1.70 2.99
N ARG A 16 -8.12 -0.62 3.59
CA ARG A 16 -9.00 0.30 2.90
C ARG A 16 -8.25 1.09 1.83
N ASN A 17 -7.03 1.53 2.18
CA ASN A 17 -6.21 2.29 1.25
C ASN A 17 -4.72 2.03 1.51
N GLY A 18 -3.87 2.63 0.69
CA GLY A 18 -2.44 2.45 0.84
C GLY A 18 -1.65 3.13 -0.26
N LYS A 19 -0.39 3.43 0.02
CA LYS A 19 0.48 4.08 -0.95
C LYS A 19 1.95 3.82 -0.63
N CYS A 20 2.83 4.35 -1.48
CA CYS A 20 4.27 4.17 -1.29
C CYS A 20 4.84 5.29 -0.40
N ILE A 21 5.81 4.93 0.42
CA ILE A 21 6.44 5.89 1.32
C ILE A 21 7.97 5.80 1.24
N ASN A 22 8.64 6.88 1.63
CA ASN A 22 10.09 6.93 1.61
C ASN A 22 10.69 5.61 2.07
N SER A 23 10.40 5.25 3.32
CA SER A 23 10.91 4.00 3.89
C SER A 23 10.65 2.83 2.96
N ASN A 24 9.46 2.80 2.37
CA ASN A 24 9.08 1.73 1.45
C ASN A 24 7.61 1.84 1.06
N CYS A 25 6.74 1.40 1.95
CA CYS A 25 5.30 1.45 1.70
C CYS A 25 4.52 1.61 3.00
N HIS A 26 3.26 2.02 2.89
CA HIS A 26 2.41 2.21 4.06
C HIS A 26 0.94 2.17 3.67
N CYS A 27 0.17 1.35 4.36
CA CYS A 27 -1.26 1.22 4.09
C CYS A 27 -2.08 2.14 5.00
N TYR A 28 -3.40 2.09 4.84
CA TYR A 28 -4.28 2.92 5.64
C TYR A 28 -5.57 2.17 5.97
N TYR A 29 -5.84 2.01 7.27
CA TYR A 29 -7.03 1.31 7.72
C TYR A 29 -8.08 2.30 8.23
N ALA A 1 10.18 -1.45 -3.17
CA ALA A 1 9.41 -0.43 -3.85
C ALA A 1 8.02 -0.95 -4.23
N CYS A 2 7.20 -0.08 -4.81
CA CYS A 2 5.85 -0.46 -5.21
C CYS A 2 5.89 -1.30 -6.48
N VAL A 3 5.14 -2.41 -6.46
CA VAL A 3 5.08 -3.32 -7.60
C VAL A 3 3.72 -3.22 -8.30
N GLU A 4 2.68 -2.94 -7.53
CA GLU A 4 1.34 -2.83 -8.07
C GLU A 4 0.49 -1.86 -7.25
N ASN A 5 1.11 -0.77 -6.82
CA ASN A 5 0.42 0.24 -6.03
C ASN A 5 0.03 -0.33 -4.66
N CYS A 6 0.57 0.27 -3.61
CA CYS A 6 0.29 -0.17 -2.25
C CYS A 6 -1.21 -0.20 -1.99
N ARG A 7 -1.96 0.64 -2.72
CA ARG A 7 -3.40 0.72 -2.58
C ARG A 7 -4.04 -0.65 -2.80
N LYS A 8 -3.98 -1.14 -4.04
CA LYS A 8 -4.55 -2.42 -4.39
C LYS A 8 -3.75 -3.56 -3.76
N TYR A 9 -2.44 -3.37 -3.67
CA TYR A 9 -1.57 -4.39 -3.08
C TYR A 9 -1.96 -4.69 -1.64
N CYS A 10 -2.23 -3.64 -0.88
CA CYS A 10 -2.62 -3.80 0.52
C CYS A 10 -4.12 -4.07 0.63
N GLN A 11 -4.89 -3.49 -0.27
CA GLN A 11 -6.34 -3.67 -0.26
C GLN A 11 -6.71 -5.13 -0.50
N ASP A 12 -5.78 -5.87 -1.12
CA ASP A 12 -6.01 -7.28 -1.40
C ASP A 12 -5.78 -8.13 -0.15
N LYS A 13 -5.04 -7.59 0.80
CA LYS A 13 -4.74 -8.28 2.04
C LYS A 13 -5.52 -7.68 3.21
N GLY A 14 -6.28 -6.63 2.93
CA GLY A 14 -7.07 -5.98 3.96
C GLY A 14 -6.56 -4.58 4.27
N ALA A 15 -7.15 -3.58 3.63
CA ALA A 15 -6.76 -2.20 3.85
C ALA A 15 -7.73 -1.24 3.16
N ARG A 16 -7.89 -0.05 3.73
CA ARG A 16 -8.78 0.96 3.18
C ARG A 16 -8.09 1.76 2.08
N ASN A 17 -6.88 2.22 2.37
CA ASN A 17 -6.12 3.00 1.41
C ASN A 17 -4.62 2.84 1.64
N GLY A 18 -3.90 2.43 0.60
CA GLY A 18 -2.47 2.25 0.71
C GLY A 18 -1.70 3.07 -0.31
N LYS A 19 -0.43 3.35 0.00
CA LYS A 19 0.42 4.13 -0.89
C LYS A 19 1.89 3.87 -0.60
N CYS A 20 2.76 4.61 -1.28
CA CYS A 20 4.20 4.46 -1.10
C CYS A 20 4.73 5.51 -0.13
N ILE A 21 5.80 5.17 0.58
CA ILE A 21 6.41 6.08 1.55
C ILE A 21 7.93 6.10 1.40
N ASN A 22 8.55 7.17 1.89
CA ASN A 22 10.00 7.31 1.80
C ASN A 22 10.69 5.99 2.10
N SER A 23 10.49 5.49 3.32
CA SER A 23 11.10 4.23 3.74
C SER A 23 10.87 3.14 2.69
N ASN A 24 9.66 3.10 2.14
CA ASN A 24 9.32 2.11 1.13
C ASN A 24 7.83 2.19 0.77
N CYS A 25 6.99 1.61 1.64
CA CYS A 25 5.55 1.60 1.42
C CYS A 25 4.80 1.65 2.75
N HIS A 26 3.49 1.85 2.68
CA HIS A 26 2.67 1.92 3.88
C HIS A 26 1.18 1.87 3.51
N CYS A 27 0.37 1.40 4.46
CA CYS A 27 -1.07 1.29 4.24
C CYS A 27 -1.84 2.07 5.29
N TYR A 28 -3.14 2.23 5.08
CA TYR A 28 -3.99 2.95 6.01
C TYR A 28 -5.32 2.23 6.23
N TYR A 29 -5.58 1.86 7.47
CA TYR A 29 -6.81 1.15 7.82
C TYR A 29 -7.90 2.13 8.26
N ALA A 1 9.60 -0.04 -2.48
CA ALA A 1 9.11 0.31 -3.81
C ALA A 1 7.72 -0.29 -4.04
N CYS A 2 7.03 0.22 -5.05
CA CYS A 2 5.68 -0.25 -5.37
C CYS A 2 5.69 -1.07 -6.66
N VAL A 3 5.24 -2.32 -6.56
CA VAL A 3 5.19 -3.21 -7.71
C VAL A 3 3.83 -3.14 -8.41
N GLU A 4 2.79 -2.87 -7.63
CA GLU A 4 1.44 -2.77 -8.18
C GLU A 4 0.58 -1.82 -7.34
N ASN A 5 1.19 -0.72 -6.90
CA ASN A 5 0.48 0.26 -6.09
C ASN A 5 0.10 -0.32 -4.74
N CYS A 6 0.62 0.26 -3.67
CA CYS A 6 0.34 -0.20 -2.33
C CYS A 6 -1.16 -0.25 -2.07
N ARG A 7 -1.91 0.58 -2.79
CA ARG A 7 -3.35 0.63 -2.65
C ARG A 7 -3.98 -0.74 -2.89
N LYS A 8 -3.90 -1.21 -4.13
CA LYS A 8 -4.45 -2.51 -4.49
C LYS A 8 -3.64 -3.64 -3.87
N TYR A 9 -2.33 -3.43 -3.78
CA TYR A 9 -1.44 -4.43 -3.21
C TYR A 9 -1.84 -4.76 -1.78
N CYS A 10 -2.12 -3.73 -0.99
CA CYS A 10 -2.51 -3.90 0.40
C CYS A 10 -4.01 -4.19 0.52
N GLN A 11 -4.78 -3.60 -0.38
CA GLN A 11 -6.23 -3.81 -0.39
C GLN A 11 -6.57 -5.27 -0.65
N ASP A 12 -5.65 -6.00 -1.26
CA ASP A 12 -5.85 -7.40 -1.56
C ASP A 12 -5.61 -8.27 -0.33
N LYS A 13 -4.87 -7.72 0.63
CA LYS A 13 -4.56 -8.44 1.87
C LYS A 13 -5.36 -7.86 3.04
N GLY A 14 -6.13 -6.82 2.77
CA GLY A 14 -6.92 -6.18 3.81
C GLY A 14 -6.43 -4.79 4.14
N ALA A 15 -7.04 -3.79 3.51
CA ALA A 15 -6.67 -2.40 3.73
C ALA A 15 -7.65 -1.45 3.06
N ARG A 16 -7.83 -0.27 3.66
CA ARG A 16 -8.75 0.73 3.11
C ARG A 16 -8.07 1.55 2.02
N ASN A 17 -6.86 2.03 2.32
CA ASN A 17 -6.11 2.84 1.36
C ASN A 17 -4.61 2.70 1.60
N GLY A 18 -3.88 2.31 0.55
CA GLY A 18 -2.45 2.14 0.66
C GLY A 18 -1.69 2.99 -0.34
N LYS A 19 -0.43 3.28 -0.04
CA LYS A 19 0.41 4.08 -0.92
C LYS A 19 1.89 3.85 -0.63
N CYS A 20 2.75 4.61 -1.29
CA CYS A 20 4.19 4.47 -1.11
C CYS A 20 4.71 5.53 -0.13
N ILE A 21 5.78 5.19 0.58
CA ILE A 21 6.37 6.09 1.56
C ILE A 21 7.89 6.14 1.40
N ASN A 22 8.50 7.21 1.91
CA ASN A 22 9.94 7.38 1.83
C ASN A 22 10.66 6.06 2.12
N SER A 23 10.46 5.53 3.32
CA SER A 23 11.09 4.28 3.72
C SER A 23 10.87 3.20 2.66
N ASN A 24 9.66 3.16 2.11
CA ASN A 24 9.33 2.17 1.09
C ASN A 24 7.85 2.23 0.74
N CYS A 25 7.02 1.63 1.59
CA CYS A 25 5.58 1.61 1.37
C CYS A 25 4.83 1.63 2.70
N HIS A 26 3.53 1.82 2.63
CA HIS A 26 2.69 1.86 3.84
C HIS A 26 1.21 1.78 3.47
N CYS A 27 0.40 1.29 4.41
CA CYS A 27 -1.04 1.16 4.18
C CYS A 27 -1.82 1.92 5.24
N TYR A 28 -3.13 2.07 5.03
CA TYR A 28 -3.98 2.76 5.97
C TYR A 28 -5.29 2.01 6.18
N TYR A 29 -5.56 1.63 7.42
CA TYR A 29 -6.77 0.90 7.76
C TYR A 29 -7.88 1.85 8.20
#